data_9H6U
#
_entry.id   9H6U
#
_cell.length_a   1.00
_cell.length_b   1.00
_cell.length_c   1.00
_cell.angle_alpha   90.00
_cell.angle_beta   90.00
_cell.angle_gamma   90.00
#
_symmetry.space_group_name_H-M   'P 1'
#
loop_
_entity.id
_entity.type
_entity.pdbx_description
1 polymer 'Spike glycoprotein,Fibritin'
2 polymer 'pT1679 Fab heavy chain'
3 polymer 'pT1679 Fab light chain'
4 non-polymer 2-acetamido-2-deoxy-beta-D-glucopyranose
#
loop_
_entity_poly.entity_id
_entity_poly.type
_entity_poly.pdbx_seq_one_letter_code
_entity_poly.pdbx_strand_id
1 'polypeptide(L)'
;VNLTTRTQLPPAYTNSFTRGVYYPDKVFRSSVLHSTQDLFLPFFSNVTWFHAIHVSGTNGTKRFDNPVLPFNDGVYFAST
EKSNIIRGWIFGTTLDSKTQSLLIVNNATNVVIKVCEFQFCNDPFLGVYYHKNNKSWMESEFRVYSSANNCTFEYVSQPF
LMDLEGKQGNFKNLREFVFKNIDGYFKIYSKHTPINLVRDLPQGFSALEPLVDLPIGINITRFQTLLALHRSYLTPGDSS
SGWTAGAAAYYVGYLQPRTFLLKYNENGTITDAVDCALDPLSETKCTLKSFTVEKGIYQTSNFRVQPTESIVRFPNITNL
CPFGEVFNATRFASVYAWNRKRISNCVADYSVLYNSASFSTFKCYGVSPTKLNDLCFTNVYADSFVIRGDEVRQIAPGQT
GKIADYNYKLPDDFTGCVIAWNSNNLDSKVGGNYNYLYRLFRKSNLKPFERDISTEIYQAGSTPCNGVEGFNCYFPLQSY
GFQPTNGVGYQPYRVVVLSFELLHAPATVCGPDKSTNLVKNKCVNFNFNGLTGTGVLTESNKKFLPFQQFGRDIADTTDA
VRDPQTLEILDITPCSFGGVSVITPGTNTSNQVAVLYQDVNCTEVPVAIHADQLTPTWRVYSTGSNVFQTRAGCLIGAEH
VNNSYECDIPIGAGICASYQTQTNSPGSASSVASQSIIAYTMSLGAENSVAYSNNSIAIPTNFTISVTTEILPVSMTKTS
VDCTMYICGDSTECSNLLLQYGSFCTQLNRALTGIAVEQDKNTQEVFAQVKQIYKTPPIKDFGGFNFSQILPDPSKPSKR
SPIEDLLFNKVTLADAGFIKQYGDCLGDIAARDLICAQKFNGLTVLPPLLTDEMIAQYTSALLAGTITSGWTFGAGPALQ
IPFPMQMAYRFNGIGVTQNVLYENQKLIANQFNSAIGKIQDSLSSTPSALGKLQDVVNQNAQALNTLVKQLSSNFGAISS
VLNDILSRLDPPEAEVQIDRLITGRLQSLQTYVTQQLIRAAEIRASANLAATKMSECVLGQSKRVDFCGKGYHLMSFPQS
APHGVVFLHVTYVPAQEKNFTTAPAICHDGKAHFPREGVFVSNGTHWFVTQRNFYEPQIITTDNTFVSGNCDVVIGIVNN
TVYDPLQPELDSFKEELDKYFKNHTSPDVDLGDISGINASVVNIQKEIDRLNEVAKNLNESLIDLQELGKYEQGSGYIPE
APRDGQAYVRKDGEWVLLSTFLGRSLEVLFQGPGHHHHHHHHSAWSHPQFEKGGGSGGGGSGGSAWSHPQFEK
;
A
2 'polypeptide(L)'
;MKLCILLAVVAFVGLSLGQVQLVQSGAEVKKPGSSVKVSCRASGGTFSSYAISWVRQAPGQGLEWMGTIIPVFGAPDYAQ
KFQGRVTITADESTSTAYMEVRSLRSEDTAVYYCARDASPYYYDRSGYPRWAEDLHHWGQGTMVTVSSASTKGPSVFPLA
PSSKSTSGGTAALGCLVKDYFPEPVTVSWNSGALTSGVHTFPAVLQSSGLYSLSSVVTVPSSSLGTQTYICNVNHKPSNT
KVDKRVEPKSCDKTDDDDK
;
H
3 'polypeptide(L)'
;ASQSVLTQPPSVSGAPGQRVTISCTGSSSNIGAGYDVHWYQQLPGTAPKLLIYGNSNRPSGVPDRFSGSKSGTSGSLAIS
GLQPEDEADYYCQSYDSSLSGSIFGGGTKLTVLGQPKAAPSVTLFPPSSEELQANKATLVCLISDFYPGAVTVAWKADSS
PVKAGVETTTPSKQSNNKYAASSYLSLTPEQWKSHRSYSCQVTHEGSTVEKTVAPTECS
;
L
#
# COMPACT_ATOMS: atom_id res chain seq x y z
N ASN A 319 -12.71 -1.97 -36.95
CA ASN A 319 -11.86 -3.02 -36.33
C ASN A 319 -11.72 -2.79 -34.83
N LEU A 320 -11.99 -3.80 -34.00
CA LEU A 320 -11.75 -3.73 -32.55
C LEU A 320 -10.25 -3.91 -32.20
N CYS A 321 -9.80 -3.33 -31.10
CA CYS A 321 -8.41 -3.44 -30.63
C CYS A 321 -8.06 -4.88 -30.18
N PRO A 322 -6.79 -5.31 -30.34
CA PRO A 322 -6.36 -6.71 -30.19
C PRO A 322 -6.14 -7.16 -28.73
N PHE A 323 -7.08 -6.88 -27.81
CA PHE A 323 -6.93 -7.26 -26.39
C PHE A 323 -6.81 -8.77 -26.17
N GLY A 324 -7.26 -9.62 -27.10
CA GLY A 324 -7.03 -11.08 -27.04
C GLY A 324 -5.55 -11.49 -27.18
N GLU A 325 -4.70 -10.66 -27.81
CA GLU A 325 -3.24 -10.89 -27.83
C GLU A 325 -2.56 -10.46 -26.52
N VAL A 326 -3.22 -9.65 -25.70
CA VAL A 326 -2.72 -9.18 -24.39
C VAL A 326 -3.18 -10.12 -23.27
N PHE A 327 -4.49 -10.26 -23.06
CA PHE A 327 -5.05 -10.98 -21.91
C PHE A 327 -5.11 -12.51 -22.09
N ASN A 328 -5.13 -13.03 -23.32
CA ASN A 328 -5.30 -14.45 -23.62
C ASN A 328 -4.08 -15.10 -24.33
N ALA A 329 -2.90 -14.48 -24.21
CA ALA A 329 -1.64 -15.14 -24.58
C ALA A 329 -1.36 -16.39 -23.72
N THR A 330 -0.47 -17.27 -24.19
CA THR A 330 -0.09 -18.50 -23.48
C THR A 330 0.90 -18.22 -22.33
N ARG A 331 1.85 -17.29 -22.55
CA ARG A 331 2.96 -17.00 -21.63
C ARG A 331 3.21 -15.49 -21.45
N PHE A 332 3.83 -15.14 -20.32
CA PHE A 332 4.03 -13.77 -19.84
C PHE A 332 5.52 -13.57 -19.49
N ALA A 333 6.00 -12.33 -19.48
CA ALA A 333 7.39 -12.02 -19.15
C ALA A 333 7.72 -12.19 -17.65
N SER A 334 8.99 -12.44 -17.34
CA SER A 334 9.56 -12.20 -16.00
C SER A 334 9.52 -10.69 -15.69
N VAL A 335 9.28 -10.30 -14.44
CA VAL A 335 9.01 -8.89 -14.11
C VAL A 335 10.21 -7.96 -14.33
N TYR A 336 11.44 -8.45 -14.18
CA TYR A 336 12.64 -7.61 -14.42
C TYR A 336 12.80 -7.21 -15.90
N ALA A 337 12.25 -8.02 -16.81
CA ALA A 337 12.31 -7.87 -18.26
C ALA A 337 10.90 -7.82 -18.87
N TRP A 338 10.01 -7.06 -18.23
CA TRP A 338 8.59 -6.91 -18.55
C TRP A 338 8.33 -6.56 -20.02
N ASN A 339 7.22 -7.04 -20.59
CA ASN A 339 6.82 -6.71 -21.96
C ASN A 339 5.93 -5.46 -22.04
N ARG A 340 6.00 -4.73 -23.17
CA ARG A 340 5.07 -3.67 -23.59
C ARG A 340 4.56 -3.91 -25.00
N LYS A 341 3.27 -3.62 -25.23
CA LYS A 341 2.56 -3.68 -26.52
C LYS A 341 1.85 -2.34 -26.78
N ARG A 342 1.85 -1.87 -28.03
CA ARG A 342 1.17 -0.64 -28.45
C ARG A 342 -0.16 -0.95 -29.13
N ILE A 343 -1.21 -0.23 -28.74
CA ILE A 343 -2.57 -0.32 -29.28
C ILE A 343 -2.89 1.01 -29.99
N SER A 344 -3.18 0.94 -31.28
CA SER A 344 -3.43 2.09 -32.15
C SER A 344 -4.26 1.71 -33.39
N ASN A 345 -4.96 2.70 -33.98
CA ASN A 345 -5.80 2.58 -35.18
C ASN A 345 -6.89 1.50 -35.06
N CYS A 346 -7.65 1.55 -33.96
CA CYS A 346 -8.67 0.55 -33.61
C CYS A 346 -9.70 1.11 -32.60
N VAL A 347 -10.82 0.42 -32.44
CA VAL A 347 -11.87 0.75 -31.45
C VAL A 347 -11.75 -0.16 -30.22
N ALA A 348 -11.67 0.43 -29.03
CA ALA A 348 -11.42 -0.29 -27.78
C ALA A 348 -12.71 -0.50 -26.98
N ASP A 349 -13.28 -1.70 -27.02
CA ASP A 349 -14.51 -2.05 -26.29
C ASP A 349 -14.23 -2.39 -24.81
N TYR A 350 -13.84 -1.39 -24.02
CA TYR A 350 -13.42 -1.57 -22.62
C TYR A 350 -14.48 -2.25 -21.73
N SER A 351 -15.77 -2.17 -22.10
CA SER A 351 -16.87 -2.89 -21.46
C SER A 351 -16.67 -4.42 -21.43
N VAL A 352 -15.88 -4.99 -22.35
CA VAL A 352 -15.44 -6.39 -22.30
C VAL A 352 -14.62 -6.69 -21.02
N LEU A 353 -13.78 -5.74 -20.60
CA LEU A 353 -12.85 -5.91 -19.49
C LEU A 353 -13.53 -5.72 -18.14
N TYR A 354 -14.11 -4.54 -17.86
CA TYR A 354 -14.56 -4.24 -16.50
C TYR A 354 -15.82 -5.02 -16.07
N ASN A 355 -16.59 -5.61 -17.00
CA ASN A 355 -17.66 -6.57 -16.69
C ASN A 355 -17.18 -8.01 -16.46
N SER A 356 -15.93 -8.35 -16.76
CA SER A 356 -15.45 -9.74 -16.70
C SER A 356 -15.24 -10.23 -15.26
N ALA A 357 -15.67 -11.46 -14.99
CA ALA A 357 -15.42 -12.18 -13.73
C ALA A 357 -13.97 -12.73 -13.61
N SER A 358 -13.18 -12.69 -14.68
CA SER A 358 -11.83 -13.28 -14.76
C SER A 358 -10.78 -12.64 -13.83
N PHE A 359 -11.02 -11.44 -13.31
CA PHE A 359 -10.01 -10.62 -12.64
C PHE A 359 -10.17 -10.59 -11.11
N SER A 360 -9.09 -10.92 -10.40
CA SER A 360 -8.98 -10.91 -8.94
C SER A 360 -8.69 -9.51 -8.38
N THR A 361 -8.34 -8.55 -9.23
CA THR A 361 -8.06 -7.14 -8.91
C THR A 361 -8.22 -6.31 -10.18
N PHE A 362 -8.87 -5.15 -10.08
CA PHE A 362 -9.11 -4.21 -11.16
C PHE A 362 -9.27 -2.81 -10.57
N LYS A 363 -8.34 -1.88 -10.85
CA LYS A 363 -8.32 -0.51 -10.31
C LYS A 363 -7.91 0.50 -11.37
N CYS A 364 -8.56 1.66 -11.46
CA CYS A 364 -8.22 2.71 -12.43
C CYS A 364 -7.91 4.04 -11.78
N TYR A 365 -6.95 4.77 -12.34
CA TYR A 365 -6.39 6.02 -11.83
C TYR A 365 -6.57 7.13 -12.86
N GLY A 366 -7.04 8.29 -12.43
CA GLY A 366 -7.35 9.44 -13.29
C GLY A 366 -8.68 9.35 -14.06
N VAL A 367 -9.16 8.14 -14.36
CA VAL A 367 -10.37 7.88 -15.17
C VAL A 367 -11.21 6.74 -14.60
N SER A 368 -12.54 6.87 -14.65
CA SER A 368 -13.49 5.82 -14.26
C SER A 368 -13.69 4.80 -15.39
N PRO A 369 -13.82 3.48 -15.14
CA PRO A 369 -13.90 2.47 -16.21
C PRO A 369 -15.04 2.70 -17.21
N THR A 370 -16.21 3.12 -16.72
CA THR A 370 -17.40 3.35 -17.55
C THR A 370 -17.20 4.47 -18.58
N LYS A 371 -16.32 5.45 -18.29
CA LYS A 371 -15.99 6.56 -19.19
C LYS A 371 -15.01 6.16 -20.31
N LEU A 372 -14.27 5.06 -20.18
CA LEU A 372 -13.34 4.62 -21.23
C LEU A 372 -14.05 4.30 -22.55
N ASN A 373 -15.34 3.91 -22.50
CA ASN A 373 -16.16 3.73 -23.70
C ASN A 373 -16.42 5.05 -24.47
N ASP A 374 -16.31 6.21 -23.82
CA ASP A 374 -16.57 7.53 -24.41
C ASP A 374 -15.29 8.26 -24.83
N LEU A 375 -14.19 8.08 -24.08
CA LEU A 375 -12.91 8.75 -24.30
C LEU A 375 -12.17 8.29 -25.57
N CYS A 376 -11.26 9.14 -26.05
CA CYS A 376 -10.35 8.93 -27.18
C CYS A 376 -8.90 9.30 -26.79
N PHE A 377 -7.91 8.62 -27.39
CA PHE A 377 -6.50 8.71 -27.05
C PHE A 377 -5.60 8.72 -28.29
N THR A 378 -4.48 9.44 -28.25
CA THR A 378 -3.45 9.40 -29.29
C THR A 378 -2.82 8.02 -29.37
N ASN A 379 -2.49 7.39 -28.24
CA ASN A 379 -2.00 6.00 -28.13
C ASN A 379 -2.55 5.32 -26.87
N VAL A 380 -2.52 3.99 -26.86
CA VAL A 380 -2.73 3.15 -25.67
C VAL A 380 -1.60 2.14 -25.59
N TYR A 381 -1.14 1.79 -24.38
CA TYR A 381 -0.06 0.81 -24.15
C TYR A 381 -0.48 -0.25 -23.13
N ALA A 382 -0.12 -1.51 -23.36
CA ALA A 382 -0.38 -2.62 -22.45
C ALA A 382 0.92 -3.32 -22.03
N ASP A 383 1.21 -3.34 -20.72
CA ASP A 383 2.42 -3.95 -20.15
C ASP A 383 2.08 -5.26 -19.43
N SER A 384 2.88 -6.32 -19.58
CA SER A 384 2.54 -7.68 -19.13
C SER A 384 3.70 -8.41 -18.42
N PHE A 385 3.45 -9.04 -17.26
CA PHE A 385 4.44 -9.77 -16.45
C PHE A 385 3.81 -10.69 -15.39
N VAL A 386 4.57 -11.64 -14.81
CA VAL A 386 4.15 -12.48 -13.66
C VAL A 386 4.87 -12.08 -12.37
N ILE A 387 4.12 -11.94 -11.26
CA ILE A 387 4.62 -11.67 -9.89
C ILE A 387 3.88 -12.52 -8.84
N ARG A 388 4.35 -12.53 -7.58
CA ARG A 388 3.64 -13.19 -6.46
C ARG A 388 2.31 -12.48 -6.15
N GLY A 389 1.33 -13.23 -5.63
CA GLY A 389 0.02 -12.68 -5.22
C GLY A 389 0.08 -11.54 -4.20
N ASP A 390 1.09 -11.51 -3.33
CA ASP A 390 1.28 -10.40 -2.36
C ASP A 390 1.90 -9.15 -2.96
N GLU A 391 2.69 -9.27 -4.02
CA GLU A 391 3.48 -8.16 -4.60
C GLU A 391 2.65 -7.17 -5.44
N VAL A 392 1.38 -7.48 -5.74
CA VAL A 392 0.50 -6.71 -6.62
C VAL A 392 0.31 -5.28 -6.09
N ARG A 393 0.43 -5.16 -4.76
CA ARG A 393 0.29 -3.90 -4.06
C ARG A 393 1.42 -2.94 -4.25
N GLN A 394 2.48 -3.32 -4.87
CA GLN A 394 3.60 -2.57 -5.18
C GLN A 394 3.44 -1.94 -6.58
N ILE A 395 2.43 -2.35 -7.36
CA ILE A 395 2.09 -1.79 -8.67
C ILE A 395 1.06 -0.67 -8.50
N ALA A 396 1.51 0.46 -7.96
CA ALA A 396 0.67 1.64 -7.82
C ALA A 396 1.52 2.91 -7.76
N PRO A 397 0.98 4.08 -8.14
CA PRO A 397 1.71 5.35 -8.07
C PRO A 397 2.14 5.69 -6.64
N GLY A 398 3.40 6.06 -6.44
CA GLY A 398 3.95 6.47 -5.13
C GLY A 398 4.42 5.36 -4.19
N GLN A 399 4.27 4.08 -4.54
CA GLN A 399 4.72 2.95 -3.71
C GLN A 399 6.24 2.67 -3.83
N THR A 400 6.81 1.92 -2.88
CA THR A 400 8.24 1.52 -2.84
C THR A 400 8.42 0.08 -2.35
N GLY A 401 9.50 -0.58 -2.77
CA GLY A 401 9.78 -2.00 -2.54
C GLY A 401 10.69 -2.60 -3.62
N LYS A 402 11.06 -3.88 -3.54
CA LYS A 402 11.94 -4.52 -4.54
C LYS A 402 11.40 -4.44 -5.97
N ILE A 403 10.09 -4.61 -6.17
CA ILE A 403 9.49 -4.55 -7.50
C ILE A 403 9.43 -3.09 -7.98
N ALA A 404 8.91 -2.19 -7.15
CA ALA A 404 8.72 -0.79 -7.49
C ALA A 404 10.03 -0.02 -7.72
N ASP A 405 11.09 -0.35 -6.99
CA ASP A 405 12.36 0.37 -7.07
C ASP A 405 13.29 -0.15 -8.18
N TYR A 406 13.26 -1.46 -8.48
CA TYR A 406 14.28 -2.13 -9.31
C TYR A 406 13.74 -2.99 -10.47
N ASN A 407 12.43 -3.21 -10.59
CA ASN A 407 11.86 -4.05 -11.65
C ASN A 407 10.87 -3.29 -12.55
N TYR A 408 9.88 -2.58 -11.99
CA TYR A 408 8.86 -1.86 -12.77
C TYR A 408 8.31 -0.66 -11.99
N LYS A 409 8.46 0.55 -12.52
CA LYS A 409 8.13 1.83 -11.86
C LYS A 409 7.03 2.58 -12.62
N LEU A 410 5.90 2.90 -11.96
CA LEU A 410 4.85 3.78 -12.50
C LEU A 410 5.15 5.26 -12.20
N PRO A 411 4.88 6.19 -13.15
CA PRO A 411 5.01 7.62 -12.89
C PRO A 411 3.91 8.14 -11.96
N ASP A 412 4.16 9.26 -11.29
CA ASP A 412 3.19 9.91 -10.40
C ASP A 412 1.93 10.42 -11.17
N ASP A 413 2.09 10.76 -12.45
CA ASP A 413 1.02 11.20 -13.35
C ASP A 413 0.18 10.05 -13.98
N PHE A 414 0.40 8.79 -13.60
CA PHE A 414 -0.18 7.63 -14.25
C PHE A 414 -1.71 7.75 -14.44
N THR A 415 -2.16 7.73 -15.69
CA THR A 415 -3.57 7.66 -16.09
C THR A 415 -3.79 6.36 -16.88
N GLY A 416 -4.59 5.46 -16.33
CA GLY A 416 -4.57 4.06 -16.74
C GLY A 416 -5.25 3.14 -15.72
N CYS A 417 -5.12 1.83 -15.92
CA CYS A 417 -5.70 0.79 -15.07
C CYS A 417 -4.70 -0.34 -14.80
N VAL A 418 -4.77 -0.93 -13.62
CA VAL A 418 -4.00 -2.12 -13.22
C VAL A 418 -4.98 -3.29 -13.04
N ILE A 419 -4.71 -4.43 -13.67
CA ILE A 419 -5.59 -5.61 -13.71
C ILE A 419 -4.77 -6.87 -13.44
N ALA A 420 -5.24 -7.77 -12.57
CA ALA A 420 -4.48 -8.98 -12.20
C ALA A 420 -5.41 -10.17 -11.90
N TRP A 421 -4.93 -11.39 -12.10
CA TRP A 421 -5.67 -12.62 -11.81
C TRP A 421 -4.75 -13.78 -11.45
N ASN A 422 -5.22 -14.70 -10.62
CA ASN A 422 -4.47 -15.88 -10.18
C ASN A 422 -4.20 -16.81 -11.38
N SER A 423 -2.96 -17.26 -11.56
CA SER A 423 -2.54 -18.12 -12.68
C SER A 423 -1.90 -19.44 -12.21
N ASN A 424 -2.23 -19.94 -11.01
CA ASN A 424 -1.59 -21.09 -10.38
C ASN A 424 -1.53 -22.33 -11.28
N ASN A 425 -2.63 -22.70 -11.92
CA ASN A 425 -2.70 -23.86 -12.81
C ASN A 425 -1.87 -23.71 -14.11
N LEU A 426 -1.56 -22.49 -14.53
CA LEU A 426 -0.79 -22.18 -15.74
C LEU A 426 0.72 -22.06 -15.45
N ASP A 427 1.07 -21.33 -14.40
CA ASP A 427 2.43 -20.86 -14.14
C ASP A 427 3.19 -21.62 -13.06
N SER A 428 2.52 -22.41 -12.21
CA SER A 428 3.22 -23.33 -11.30
C SER A 428 3.58 -24.65 -12.00
N LYS A 429 4.54 -25.39 -11.45
CA LYS A 429 4.71 -26.84 -11.77
C LYS A 429 5.18 -27.63 -10.54
N VAL A 430 5.00 -28.95 -10.56
CA VAL A 430 5.49 -29.87 -9.52
C VAL A 430 7.02 -29.80 -9.43
N GLY A 431 7.55 -29.63 -8.21
CA GLY A 431 8.97 -29.34 -7.96
C GLY A 431 9.36 -27.86 -8.08
N GLY A 432 8.44 -26.99 -8.52
CA GLY A 432 8.62 -25.54 -8.66
C GLY A 432 8.97 -25.09 -10.07
N ASN A 433 8.28 -24.06 -10.59
CA ASN A 433 8.66 -23.39 -11.83
C ASN A 433 9.70 -22.29 -11.55
N TYR A 434 10.95 -22.52 -11.94
CA TYR A 434 12.06 -21.59 -11.73
C TYR A 434 12.35 -20.66 -12.92
N ASN A 435 11.59 -20.74 -14.02
CA ASN A 435 11.81 -19.89 -15.20
C ASN A 435 11.47 -18.40 -14.97
N TYR A 436 10.59 -18.09 -14.00
CA TYR A 436 10.21 -16.72 -13.66
C TYR A 436 11.21 -16.11 -12.66
N LEU A 437 11.80 -14.97 -13.02
CA LEU A 437 12.82 -14.24 -12.24
C LEU A 437 12.40 -12.80 -11.92
N TYR A 438 12.94 -12.23 -10.86
CA TYR A 438 12.89 -10.79 -10.58
C TYR A 438 14.30 -10.29 -10.21
N ARG A 439 14.54 -8.99 -10.32
CA ARG A 439 15.82 -8.41 -9.94
C ARG A 439 15.85 -8.04 -8.49
N LEU A 440 16.70 -8.68 -7.77
CA LEU A 440 16.93 -8.48 -6.34
C LEU A 440 17.94 -7.36 -6.04
N PHE A 441 18.92 -7.12 -6.92
CA PHE A 441 19.96 -6.10 -6.75
C PHE A 441 20.12 -5.14 -7.94
N ARG A 442 20.46 -3.89 -7.57
CA ARG A 442 20.77 -2.83 -8.56
C ARG A 442 21.47 -1.64 -7.79
N LYS A 443 22.49 -1.00 -8.37
CA LYS A 443 23.23 0.13 -7.77
C LYS A 443 22.44 1.43 -7.62
N SER A 444 21.32 1.58 -8.30
CA SER A 444 20.41 2.73 -8.19
C SER A 444 18.99 2.40 -8.65
N ASN A 445 18.01 3.19 -8.21
CA ASN A 445 16.59 2.98 -8.51
C ASN A 445 16.26 3.29 -9.99
N LEU A 446 15.19 2.67 -10.51
CA LEU A 446 14.65 2.95 -11.84
C LEU A 446 14.01 4.34 -11.94
N LYS A 447 13.97 4.89 -13.16
CA LYS A 447 13.00 5.93 -13.58
C LYS A 447 11.67 5.30 -14.04
N PRO A 448 10.57 6.06 -14.14
CA PRO A 448 9.30 5.55 -14.64
C PRO A 448 9.40 4.90 -16.02
N PHE A 449 8.81 3.71 -16.18
CA PHE A 449 8.88 2.87 -17.38
C PHE A 449 10.31 2.54 -17.88
N GLU A 450 11.31 2.53 -17.01
CA GLU A 450 12.65 1.98 -17.29
C GLU A 450 12.68 0.43 -17.31
N ARG A 451 13.60 -0.16 -18.09
CA ARG A 451 13.84 -1.61 -18.18
C ARG A 451 15.35 -1.90 -18.33
N ASP A 452 15.81 -3.06 -17.90
CA ASP A 452 17.19 -3.53 -18.10
C ASP A 452 17.32 -5.06 -18.28
N ILE A 453 18.49 -5.54 -18.72
CA ILE A 453 18.76 -6.95 -19.04
C ILE A 453 20.08 -7.47 -18.44
N SER A 454 21.12 -6.62 -18.33
CA SER A 454 22.49 -7.03 -18.01
C SER A 454 22.66 -7.71 -16.64
N THR A 455 23.12 -8.96 -16.62
CA THR A 455 23.29 -9.79 -15.41
C THR A 455 24.68 -9.67 -14.76
N GLU A 456 25.25 -8.47 -14.74
CA GLU A 456 26.55 -8.19 -14.10
C GLU A 456 26.46 -8.31 -12.57
N ILE A 457 27.48 -8.89 -11.93
CA ILE A 457 27.58 -9.04 -10.47
C ILE A 457 27.43 -7.69 -9.76
N TYR A 458 26.53 -7.63 -8.77
CA TYR A 458 26.39 -6.50 -7.85
C TYR A 458 27.56 -6.51 -6.86
N GLN A 459 28.33 -5.41 -6.82
CA GLN A 459 29.51 -5.28 -5.95
C GLN A 459 29.32 -4.21 -4.87
N ALA A 460 29.54 -4.61 -3.61
CA ALA A 460 29.44 -3.77 -2.42
C ALA A 460 30.50 -4.07 -1.35
N GLY A 461 31.52 -4.87 -1.69
CA GLY A 461 32.65 -5.23 -0.81
C GLY A 461 33.73 -4.15 -0.74
N SER A 462 34.80 -4.43 0.00
CA SER A 462 35.97 -3.53 0.15
C SER A 462 36.82 -3.38 -1.11
N THR A 463 36.70 -4.28 -2.08
CA THR A 463 37.40 -4.28 -3.37
C THR A 463 36.48 -4.72 -4.51
N PRO A 464 36.78 -4.42 -5.79
CA PRO A 464 35.97 -4.88 -6.93
C PRO A 464 35.82 -6.40 -7.01
N CYS A 465 34.65 -6.87 -7.46
CA CYS A 465 34.31 -8.30 -7.53
C CYS A 465 34.78 -9.00 -8.82
N ASN A 466 35.16 -8.24 -9.86
CA ASN A 466 35.69 -8.75 -11.14
C ASN A 466 34.84 -9.83 -11.84
N GLY A 467 33.52 -9.81 -11.66
CA GLY A 467 32.60 -10.80 -12.22
C GLY A 467 32.58 -12.17 -11.51
N VAL A 468 33.17 -12.28 -10.33
CA VAL A 468 33.22 -13.51 -9.51
C VAL A 468 32.25 -13.41 -8.33
N GLU A 469 31.42 -14.44 -8.11
CA GLU A 469 30.45 -14.48 -7.00
C GLU A 469 31.12 -14.62 -5.62
N GLY A 470 30.53 -14.02 -4.58
CA GLY A 470 31.01 -14.11 -3.19
C GLY A 470 30.28 -13.16 -2.23
N PHE A 471 30.78 -13.01 -1.01
CA PHE A 471 30.24 -12.06 -0.04
C PHE A 471 30.32 -10.62 -0.59
N ASN A 472 29.19 -9.91 -0.58
CA ASN A 472 28.99 -8.60 -1.21
C ASN A 472 29.41 -8.54 -2.70
N CYS A 473 29.33 -9.68 -3.39
CA CYS A 473 29.57 -9.89 -4.81
C CYS A 473 28.45 -10.81 -5.35
N TYR A 474 27.23 -10.29 -5.48
CA TYR A 474 26.01 -11.09 -5.66
C TYR A 474 25.51 -11.11 -7.11
N PHE A 475 25.04 -12.26 -7.59
CA PHE A 475 24.31 -12.35 -8.86
C PHE A 475 22.96 -11.60 -8.75
N PRO A 476 22.62 -10.68 -9.67
CA PRO A 476 21.57 -9.69 -9.42
C PRO A 476 20.13 -10.20 -9.49
N LEU A 477 19.88 -11.40 -10.01
CA LEU A 477 18.53 -11.93 -10.26
C LEU A 477 18.23 -13.15 -9.39
N GLN A 478 16.97 -13.32 -8.99
CA GLN A 478 16.48 -14.45 -8.20
C GLN A 478 15.19 -15.04 -8.79
N SER A 479 15.02 -16.36 -8.73
CA SER A 479 13.84 -17.08 -9.23
C SER A 479 12.71 -17.18 -8.20
N TYR A 480 11.45 -17.26 -8.66
CA TYR A 480 10.29 -17.43 -7.78
C TYR A 480 10.07 -18.87 -7.31
N GLY A 481 10.15 -19.86 -8.21
CA GLY A 481 10.04 -21.29 -7.85
C GLY A 481 8.62 -21.75 -7.49
N PHE A 482 7.62 -21.41 -8.31
CA PHE A 482 6.20 -21.64 -7.99
C PHE A 482 5.81 -23.13 -7.98
N GLN A 483 5.60 -23.71 -6.80
CA GLN A 483 4.98 -25.03 -6.61
C GLN A 483 3.44 -24.94 -6.58
N PRO A 484 2.69 -26.00 -6.90
CA PRO A 484 1.23 -25.88 -7.13
C PRO A 484 0.37 -25.69 -5.88
N THR A 485 0.92 -25.91 -4.69
CA THR A 485 0.17 -26.11 -3.44
C THR A 485 0.46 -25.07 -2.35
N ASN A 486 1.28 -24.05 -2.62
CA ASN A 486 1.60 -22.99 -1.65
C ASN A 486 0.42 -22.01 -1.43
N GLY A 487 0.48 -21.20 -0.36
CA GLY A 487 -0.59 -20.27 0.02
C GLY A 487 -0.83 -19.15 -1.00
N VAL A 488 -2.01 -18.55 -1.01
CA VAL A 488 -2.46 -17.64 -2.11
C VAL A 488 -1.58 -16.38 -2.27
N GLY A 489 -0.87 -15.94 -1.24
CA GLY A 489 0.10 -14.86 -1.34
C GLY A 489 1.42 -15.24 -2.03
N TYR A 490 1.72 -16.54 -2.12
CA TYR A 490 2.89 -17.11 -2.79
C TYR A 490 2.58 -17.73 -4.17
N GLN A 491 1.31 -17.91 -4.53
CA GLN A 491 0.88 -18.38 -5.86
C GLN A 491 1.17 -17.33 -6.95
N PRO A 492 1.38 -17.73 -8.22
CA PRO A 492 1.68 -16.79 -9.30
C PRO A 492 0.44 -16.03 -9.75
N TYR A 493 0.60 -14.74 -10.03
CA TYR A 493 -0.43 -13.87 -10.60
C TYR A 493 0.08 -13.26 -11.91
N ARG A 494 -0.82 -13.23 -12.88
CA ARG A 494 -0.54 -12.57 -14.14
C ARG A 494 -1.08 -11.15 -14.01
N VAL A 495 -0.35 -10.17 -14.50
CA VAL A 495 -0.66 -8.75 -14.38
C VAL A 495 -0.63 -8.06 -15.73
N VAL A 496 -1.63 -7.22 -16.02
CA VAL A 496 -1.66 -6.31 -17.17
C VAL A 496 -1.85 -4.88 -16.68
N VAL A 497 -0.99 -3.96 -17.12
CA VAL A 497 -1.12 -2.52 -16.87
C VAL A 497 -1.46 -1.82 -18.17
N LEU A 498 -2.59 -1.10 -18.21
CA LEU A 498 -3.05 -0.34 -19.37
C LEU A 498 -2.78 1.15 -19.13
N SER A 499 -2.09 1.81 -20.06
CA SER A 499 -1.72 3.22 -19.97
C SER A 499 -2.25 3.99 -21.18
N PHE A 500 -2.88 5.14 -20.92
CA PHE A 500 -3.58 5.95 -21.91
C PHE A 500 -2.83 7.26 -22.21
N GLU A 501 -2.56 7.57 -23.49
CA GLU A 501 -1.74 8.71 -23.90
C GLU A 501 -2.49 9.66 -24.86
N LEU A 502 -2.48 10.95 -24.58
CA LEU A 502 -3.14 11.99 -25.36
C LEU A 502 -2.22 13.20 -25.55
N LEU A 503 -2.08 13.67 -26.80
CA LEU A 503 -1.26 14.82 -27.21
C LEU A 503 -2.07 15.73 -28.18
N HIS A 504 -1.46 16.81 -28.67
CA HIS A 504 -2.01 17.59 -29.79
C HIS A 504 -2.09 16.80 -31.10
N ALA A 505 -1.28 15.74 -31.27
CA ALA A 505 -1.38 14.79 -32.38
C ALA A 505 -2.69 13.95 -32.30
N PRO A 506 -3.40 13.69 -33.42
CA PRO A 506 -4.76 13.14 -33.41
C PRO A 506 -4.96 11.81 -32.68
N ALA A 507 -6.18 11.56 -32.23
CA ALA A 507 -6.55 10.30 -31.59
C ALA A 507 -6.44 9.12 -32.59
N THR A 508 -5.90 7.99 -32.13
CA THR A 508 -5.86 6.74 -32.91
C THR A 508 -6.63 5.60 -32.24
N VAL A 509 -7.07 5.76 -30.99
CA VAL A 509 -7.92 4.81 -30.26
C VAL A 509 -9.12 5.55 -29.66
N CYS A 510 -10.31 4.98 -29.76
CA CYS A 510 -11.54 5.48 -29.13
C CYS A 510 -12.40 4.30 -28.64
N GLY A 511 -13.25 4.53 -27.64
CA GLY A 511 -14.31 3.57 -27.30
C GLY A 511 -15.45 3.54 -28.33
N PRO A 512 -16.23 2.44 -28.42
CA PRO A 512 -17.31 2.27 -29.39
C PRO A 512 -18.51 3.20 -29.12
N ASP A 513 -19.24 3.57 -30.18
CA ASP A 513 -20.46 4.38 -30.10
C ASP A 513 -21.46 4.04 -31.21
N VAL B 20 6.96 15.30 0.76
CA VAL B 20 5.73 15.06 1.59
C VAL B 20 6.10 15.10 3.06
N GLN B 21 5.67 16.14 3.79
CA GLN B 21 5.85 16.25 5.25
C GLN B 21 4.65 16.98 5.88
N LEU B 22 4.02 16.34 6.86
CA LEU B 22 2.88 16.89 7.60
C LEU B 22 3.36 17.76 8.77
N VAL B 23 2.63 18.85 9.04
CA VAL B 23 2.91 19.84 10.10
C VAL B 23 1.59 20.16 10.81
N GLN B 24 1.58 20.24 12.13
CA GLN B 24 0.33 20.15 12.91
C GLN B 24 0.22 21.21 14.02
N SER B 25 -1.01 21.54 14.42
CA SER B 25 -1.32 22.52 15.48
C SER B 25 -0.68 22.21 16.83
N GLY B 26 -0.44 23.27 17.59
CA GLY B 26 -0.01 23.26 18.99
C GLY B 26 -1.09 22.81 19.98
N ALA B 27 -0.68 22.50 21.22
CA ALA B 27 -1.49 21.84 22.25
C ALA B 27 -2.66 22.69 22.82
N GLU B 28 -3.60 22.05 23.52
CA GLU B 28 -4.83 22.65 24.05
C GLU B 28 -5.10 22.29 25.52
N VAL B 29 -5.66 23.26 26.25
CA VAL B 29 -6.19 23.12 27.62
C VAL B 29 -7.59 23.72 27.70
N LYS B 30 -8.62 22.94 28.07
CA LYS B 30 -10.03 23.39 28.09
C LYS B 30 -10.83 22.82 29.27
N LYS B 31 -11.92 23.50 29.64
CA LYS B 31 -12.91 22.99 30.61
C LYS B 31 -13.94 22.06 29.95
N PRO B 32 -14.57 21.13 30.69
CA PRO B 32 -15.65 20.30 30.17
C PRO B 32 -16.81 21.10 29.55
N GLY B 33 -17.46 20.55 28.53
CA GLY B 33 -18.54 21.20 27.78
C GLY B 33 -18.09 22.28 26.79
N SER B 34 -16.80 22.61 26.74
CA SER B 34 -16.21 23.46 25.69
C SER B 34 -15.92 22.65 24.41
N SER B 35 -15.34 23.29 23.38
CA SER B 35 -14.99 22.69 22.08
C SER B 35 -13.56 23.03 21.64
N VAL B 36 -12.92 22.14 20.87
CA VAL B 36 -11.52 22.23 20.45
C VAL B 36 -11.39 22.16 18.92
N LYS B 37 -10.47 22.96 18.36
CA LYS B 37 -10.09 22.96 16.95
C LYS B 37 -8.66 22.43 16.80
N VAL B 38 -8.44 21.48 15.89
CA VAL B 38 -7.13 20.88 15.58
C VAL B 38 -6.87 21.07 14.09
N SER B 39 -5.63 21.29 13.66
CA SER B 39 -5.33 21.54 12.24
C SER B 39 -4.00 20.92 11.78
N CYS B 40 -3.90 20.68 10.47
CA CYS B 40 -2.78 19.99 9.82
C CYS B 40 -2.54 20.59 8.42
N ARG B 41 -1.28 20.62 7.98
CA ARG B 41 -0.84 21.15 6.67
C ARG B 41 0.08 20.15 5.97
N ALA B 42 -0.11 19.99 4.66
CA ALA B 42 0.77 19.19 3.80
C ALA B 42 1.80 20.09 3.11
N SER B 43 2.96 19.53 2.74
CA SER B 43 3.98 20.25 1.95
C SER B 43 4.82 19.31 1.10
N GLY B 44 5.40 19.83 0.01
CA GLY B 44 6.28 19.10 -0.89
C GLY B 44 5.57 18.17 -1.89
N GLY B 45 4.28 18.36 -2.15
CA GLY B 45 3.51 17.57 -3.11
C GLY B 45 2.04 17.99 -3.24
N THR B 46 1.28 17.27 -4.06
CA THR B 46 -0.15 17.53 -4.31
C THR B 46 -1.01 17.18 -3.09
N PHE B 47 -1.87 18.11 -2.65
CA PHE B 47 -2.81 17.90 -1.54
C PHE B 47 -4.12 17.23 -1.96
N SER B 48 -4.68 17.63 -3.10
CA SER B 48 -6.10 17.46 -3.41
C SER B 48 -6.56 16.02 -3.64
N SER B 49 -5.73 15.17 -4.26
CA SER B 49 -6.09 13.80 -4.66
C SER B 49 -5.83 12.70 -3.61
N TYR B 50 -5.43 13.06 -2.39
CA TYR B 50 -4.97 12.12 -1.37
C TYR B 50 -5.88 12.13 -0.14
N ALA B 51 -6.19 10.95 0.40
CA ALA B 51 -6.96 10.83 1.63
C ALA B 51 -6.15 11.31 2.85
N ILE B 52 -6.77 12.14 3.71
CA ILE B 52 -6.25 12.56 5.01
C ILE B 52 -7.11 11.94 6.11
N SER B 53 -6.50 11.27 7.09
CA SER B 53 -7.19 10.58 8.18
C SER B 53 -6.80 11.14 9.55
N TRP B 54 -7.74 11.18 10.47
CA TRP B 54 -7.54 11.64 11.85
C TRP B 54 -7.56 10.46 12.81
N VAL B 55 -6.53 10.35 13.63
CA VAL B 55 -6.30 9.26 14.60
C VAL B 55 -6.09 9.85 16.00
N ARG B 56 -6.56 9.11 17.01
CA ARG B 56 -6.37 9.54 18.38
C ARG B 56 -5.70 8.48 19.24
N GLN B 57 -4.97 8.91 20.24
CA GLN B 57 -4.26 8.04 21.17
C GLN B 57 -4.32 8.60 22.59
N ALA B 58 -5.13 8.01 23.46
CA ALA B 58 -5.16 8.35 24.88
C ALA B 58 -3.86 7.90 25.59
N PRO B 59 -3.43 8.54 26.69
CA PRO B 59 -2.18 8.20 27.37
C PRO B 59 -2.10 6.74 27.82
N GLY B 60 -1.01 6.05 27.44
CA GLY B 60 -0.80 4.63 27.74
C GLY B 60 -1.75 3.65 27.02
N GLN B 61 -2.38 4.04 25.91
CA GLN B 61 -3.43 3.25 25.24
C GLN B 61 -3.23 3.15 23.72
N GLY B 62 -3.89 2.17 23.09
CA GLY B 62 -3.84 1.90 21.66
C GLY B 62 -4.48 2.98 20.79
N LEU B 63 -4.16 2.95 19.49
CA LEU B 63 -4.61 3.91 18.49
C LEU B 63 -6.12 3.78 18.22
N GLU B 64 -6.78 4.86 17.79
CA GLU B 64 -8.21 4.89 17.45
C GLU B 64 -8.44 5.74 16.20
N TRP B 65 -9.18 5.25 15.21
CA TRP B 65 -9.50 6.00 13.99
C TRP B 65 -10.80 6.78 14.17
N MET B 66 -10.78 8.07 13.84
CA MET B 66 -11.91 8.99 14.01
C MET B 66 -12.66 9.25 12.70
N GLY B 67 -11.95 9.49 11.59
CA GLY B 67 -12.55 9.75 10.28
C GLY B 67 -11.54 10.11 9.18
N THR B 68 -11.98 10.13 7.92
CA THR B 68 -11.15 10.36 6.73
C THR B 68 -11.82 11.31 5.74
N ILE B 69 -11.06 12.17 5.04
CA ILE B 69 -11.52 13.07 3.97
C ILE B 69 -10.63 12.96 2.73
N ILE B 70 -11.20 13.03 1.52
CA ILE B 70 -10.45 13.31 0.27
C ILE B 70 -10.82 14.72 -0.20
N PRO B 71 -9.90 15.69 -0.33
CA PRO B 71 -10.29 17.08 -0.54
C PRO B 71 -11.16 17.33 -1.79
N VAL B 72 -10.88 16.68 -2.93
CA VAL B 72 -11.70 16.85 -4.16
C VAL B 72 -13.17 16.44 -4.01
N PHE B 73 -13.53 15.57 -3.06
CA PHE B 73 -14.93 15.21 -2.79
C PHE B 73 -15.50 15.88 -1.54
N GLY B 74 -14.65 16.27 -0.59
CA GLY B 74 -15.01 17.15 0.52
C GLY B 74 -15.82 16.56 1.69
N ALA B 75 -16.66 15.55 1.45
CA ALA B 75 -17.50 14.91 2.47
C ALA B 75 -16.72 13.78 3.21
N PRO B 76 -16.53 13.85 4.54
CA PRO B 76 -15.79 12.84 5.30
C PRO B 76 -16.53 11.53 5.55
N ASP B 77 -15.77 10.47 5.81
CA ASP B 77 -16.18 9.24 6.51
C ASP B 77 -15.92 9.42 8.02
N TYR B 78 -16.80 8.91 8.89
CA TYR B 78 -16.63 8.97 10.35
C TYR B 78 -16.81 7.61 11.02
N ALA B 79 -16.03 7.34 12.06
CA ALA B 79 -16.25 6.22 12.98
C ALA B 79 -17.48 6.46 13.87
N GLN B 80 -18.25 5.40 14.14
CA GLN B 80 -19.55 5.49 14.82
C GLN B 80 -19.49 6.12 16.22
N LYS B 81 -18.42 5.87 16.99
CA LYS B 81 -18.22 6.46 18.33
C LYS B 81 -18.07 7.98 18.29
N PHE B 82 -17.41 8.50 17.25
CA PHE B 82 -17.03 9.92 17.12
C PHE B 82 -18.01 10.75 16.29
N GLN B 83 -18.83 10.12 15.45
CA GLN B 83 -19.82 10.80 14.61
C GLN B 83 -20.80 11.65 15.43
N GLY B 84 -21.00 12.90 15.04
CA GLY B 84 -21.82 13.87 15.77
C GLY B 84 -21.01 14.75 16.73
N ARG B 85 -20.09 14.21 17.51
CA ARG B 85 -19.26 15.11 18.32
C ARG B 85 -18.12 15.68 17.47
N VAL B 86 -17.69 14.95 16.45
CA VAL B 86 -16.53 15.35 15.62
C VAL B 86 -16.98 15.71 14.20
N THR B 87 -16.39 16.75 13.62
CA THR B 87 -16.51 17.08 12.18
C THR B 87 -15.18 17.48 11.55
N ILE B 88 -14.93 17.07 10.29
CA ILE B 88 -13.65 17.21 9.56
C ILE B 88 -13.86 18.08 8.30
N THR B 89 -12.85 18.84 7.86
CA THR B 89 -12.93 19.80 6.73
C THR B 89 -11.55 20.05 6.11
N ALA B 90 -11.45 20.53 4.87
CA ALA B 90 -10.18 20.82 4.19
C ALA B 90 -10.24 21.97 3.18
N ASP B 91 -9.10 22.61 2.90
CA ASP B 91 -8.96 23.74 1.97
C ASP B 91 -8.00 23.44 0.81
N GLU B 92 -8.47 23.60 -0.43
CA GLU B 92 -7.64 23.48 -1.64
C GLU B 92 -6.60 24.61 -1.76
N SER B 93 -6.98 25.83 -1.38
CA SER B 93 -6.15 27.04 -1.55
C SER B 93 -4.97 27.15 -0.59
N THR B 94 -4.98 26.38 0.50
CA THR B 94 -3.97 26.45 1.58
C THR B 94 -3.37 25.10 1.95
N SER B 95 -3.75 24.00 1.28
CA SER B 95 -3.21 22.65 1.52
C SER B 95 -3.34 22.19 2.98
N THR B 96 -4.49 22.47 3.60
CA THR B 96 -4.73 22.32 5.04
C THR B 96 -6.03 21.61 5.35
N ALA B 97 -6.01 20.76 6.36
CA ALA B 97 -7.16 20.03 6.89
C ALA B 97 -7.39 20.39 8.36
N TYR B 98 -8.63 20.31 8.81
CA TYR B 98 -9.07 20.78 10.12
C TYR B 98 -10.03 19.77 10.74
N MET B 99 -10.14 19.77 12.05
CA MET B 99 -11.12 18.99 12.79
C MET B 99 -11.63 19.79 13.99
N GLU B 100 -12.91 19.66 14.31
CA GLU B 100 -13.49 20.19 15.53
C GLU B 100 -14.12 19.08 16.37
N VAL B 101 -13.77 19.02 17.66
CA VAL B 101 -14.38 18.13 18.67
C VAL B 101 -15.26 18.99 19.57
N ARG B 102 -16.49 18.49 19.82
CA ARG B 102 -17.45 19.26 20.61
C ARG B 102 -17.97 18.61 21.87
N SER B 103 -18.46 19.45 22.78
CA SER B 103 -18.97 18.99 24.08
C SER B 103 -17.96 18.06 24.77
N LEU B 104 -16.75 18.58 25.01
CA LEU B 104 -15.62 17.84 25.58
C LEU B 104 -15.88 17.29 26.99
N ARG B 105 -15.19 16.16 27.27
CA ARG B 105 -15.26 15.50 28.58
C ARG B 105 -13.81 15.08 28.96
N SER B 106 -13.51 14.68 30.20
CA SER B 106 -12.12 14.42 30.64
C SER B 106 -11.41 13.33 29.83
N GLU B 107 -12.13 12.29 29.38
CA GLU B 107 -11.54 11.20 28.59
C GLU B 107 -11.10 11.61 27.18
N ASP B 108 -11.52 12.79 26.70
CA ASP B 108 -11.02 13.41 25.45
C ASP B 108 -9.59 13.93 25.56
N THR B 109 -8.96 13.84 26.73
CA THR B 109 -7.53 14.11 26.94
C THR B 109 -6.69 13.08 26.19
N ALA B 110 -6.02 13.47 25.11
CA ALA B 110 -5.32 12.56 24.21
C ALA B 110 -4.36 13.29 23.27
N VAL B 111 -3.51 12.55 22.57
CA VAL B 111 -2.77 13.06 21.41
C VAL B 111 -3.54 12.72 20.13
N TYR B 112 -3.77 13.73 19.29
CA TYR B 112 -4.46 13.61 18.02
C TYR B 112 -3.43 13.74 16.89
N TYR B 113 -3.41 12.85 15.91
CA TYR B 113 -2.50 12.90 14.75
C TYR B 113 -3.29 13.02 13.45
N CYS B 114 -2.83 13.84 12.51
CA CYS B 114 -3.17 13.67 11.10
C CYS B 114 -2.25 12.62 10.46
N ALA B 115 -2.74 11.88 9.47
CA ALA B 115 -2.01 10.86 8.72
C ALA B 115 -2.51 10.74 7.26
N ARG B 116 -1.64 10.27 6.38
CA ARG B 116 -1.95 10.21 4.96
C ARG B 116 -1.46 9.01 4.11
N ASP B 117 -2.21 8.62 3.11
CA ASP B 117 -1.95 7.55 2.13
C ASP B 117 -0.74 7.89 1.22
N ALA B 118 0.01 6.90 0.75
CA ALA B 118 1.13 7.10 -0.19
C ALA B 118 0.71 7.17 -1.67
N SER B 119 -0.50 6.74 -2.02
CA SER B 119 -1.06 6.77 -3.38
C SER B 119 -2.30 7.66 -3.46
N PRO B 120 -2.62 8.25 -4.62
CA PRO B 120 -3.90 8.94 -4.83
C PRO B 120 -5.10 8.00 -4.65
N TYR B 121 -6.31 8.55 -4.53
CA TYR B 121 -7.53 7.74 -4.63
C TYR B 121 -7.66 7.05 -6.00
N TYR B 122 -8.50 6.03 -6.10
CA TYR B 122 -8.70 5.23 -7.32
C TYR B 122 -10.18 4.93 -7.53
N TYR B 123 -10.54 4.57 -8.76
CA TYR B 123 -11.89 4.14 -9.15
C TYR B 123 -11.95 2.62 -9.25
N ASP B 124 -12.90 2.00 -8.58
CA ASP B 124 -13.16 0.56 -8.71
C ASP B 124 -13.89 0.21 -10.03
N ARG B 125 -14.28 -1.06 -10.22
CA ARG B 125 -14.98 -1.50 -11.47
C ARG B 125 -16.34 -0.87 -11.66
N SER B 126 -16.94 -0.34 -10.60
CA SER B 126 -18.20 0.39 -10.67
C SER B 126 -18.05 1.92 -10.62
N GLY B 127 -16.83 2.45 -10.72
CA GLY B 127 -16.58 3.88 -10.76
C GLY B 127 -16.71 4.62 -9.42
N TYR B 128 -16.73 3.94 -8.27
CA TYR B 128 -16.70 4.61 -6.97
C TYR B 128 -15.27 4.97 -6.54
N PRO B 129 -14.99 6.19 -6.04
CA PRO B 129 -13.69 6.58 -5.49
C PRO B 129 -13.38 5.77 -4.23
N ARG B 130 -12.12 5.30 -4.12
CA ARG B 130 -11.69 4.58 -2.95
C ARG B 130 -10.31 5.04 -2.45
N TRP B 131 -9.88 4.63 -1.27
CA TRP B 131 -8.62 4.97 -0.60
C TRP B 131 -8.06 3.75 0.15
N ALA B 132 -6.76 3.73 0.44
CA ALA B 132 -6.09 2.62 1.13
C ALA B 132 -5.82 2.93 2.61
N GLU B 133 -5.99 1.92 3.47
CA GLU B 133 -5.95 2.06 4.93
C GLU B 133 -4.53 2.18 5.53
N ASP B 134 -3.48 1.96 4.76
CA ASP B 134 -2.10 2.19 5.18
C ASP B 134 -1.81 3.67 5.47
N LEU B 135 -1.25 3.96 6.65
CA LEU B 135 -0.84 5.28 7.04
C LEU B 135 0.67 5.46 6.90
N HIS B 136 1.12 5.79 5.68
CA HIS B 136 2.54 5.94 5.33
C HIS B 136 3.20 7.21 5.92
N HIS B 137 2.46 8.31 6.04
CA HIS B 137 2.95 9.62 6.51
C HIS B 137 2.14 10.11 7.72
N TRP B 138 2.80 10.64 8.75
CA TRP B 138 2.19 11.03 10.03
C TRP B 138 2.61 12.45 10.44
N GLY B 139 1.68 13.23 10.99
CA GLY B 139 1.97 14.53 11.59
C GLY B 139 2.57 14.42 13.00
N GLN B 140 3.16 15.51 13.49
CA GLN B 140 3.86 15.54 14.79
C GLN B 140 2.97 15.34 16.04
N GLY B 141 1.65 15.42 15.90
CA GLY B 141 0.67 15.21 16.96
C GLY B 141 0.37 16.43 17.84
N THR B 142 -0.89 16.60 18.23
CA THR B 142 -1.40 17.69 19.07
C THR B 142 -1.92 17.12 20.38
N MET B 143 -1.34 17.49 21.53
CA MET B 143 -1.85 17.10 22.84
C MET B 143 -3.05 17.98 23.23
N VAL B 144 -4.22 17.39 23.40
CA VAL B 144 -5.40 18.09 23.93
C VAL B 144 -5.65 17.59 25.34
N THR B 145 -5.96 18.50 26.25
CA THR B 145 -6.21 18.21 27.67
C THR B 145 -7.52 18.84 28.15
N VAL B 146 -8.31 18.09 28.90
CA VAL B 146 -9.60 18.53 29.44
C VAL B 146 -9.57 18.46 30.97
N SER B 147 -9.82 19.59 31.63
CA SER B 147 -9.70 19.72 33.09
C SER B 147 -10.64 18.80 33.88
N SER C 4 -13.91 -7.37 20.48
CA SER C 4 -14.29 -6.60 19.26
C SER C 4 -13.09 -6.41 18.34
N VAL C 5 -12.14 -5.53 18.65
CA VAL C 5 -10.93 -5.26 17.84
C VAL C 5 -9.95 -6.43 17.78
N LEU C 6 -8.94 -6.37 16.90
CA LEU C 6 -7.93 -7.41 16.72
C LEU C 6 -7.26 -7.77 18.05
N THR C 7 -7.21 -9.06 18.40
CA THR C 7 -6.63 -9.55 19.65
C THR C 7 -5.12 -9.74 19.50
N GLN C 8 -4.33 -9.23 20.45
CA GLN C 8 -2.86 -9.16 20.37
C GLN C 8 -2.25 -9.20 21.79
N PRO C 9 -1.12 -9.90 22.05
CA PRO C 9 -0.55 -10.05 23.39
C PRO C 9 0.16 -8.78 23.92
N PRO C 10 0.04 -8.39 25.21
CA PRO C 10 0.60 -7.13 25.72
C PRO C 10 2.13 -6.94 25.61
N SER C 11 2.92 -8.01 25.68
CA SER C 11 4.40 -7.92 25.64
C SER C 11 5.07 -9.22 25.16
N VAL C 12 6.30 -9.12 24.64
CA VAL C 12 7.15 -10.26 24.24
C VAL C 12 8.61 -9.96 24.56
N SER C 13 9.46 -10.98 24.65
CA SER C 13 10.89 -10.80 24.93
C SER C 13 11.79 -11.90 24.35
N GLY C 14 13.07 -11.59 24.17
CA GLY C 14 14.09 -12.50 23.64
C GLY C 14 15.52 -12.01 23.89
N ALA C 15 16.50 -12.88 23.70
CA ALA C 15 17.91 -12.56 23.82
C ALA C 15 18.48 -11.84 22.58
N PRO C 16 19.54 -11.04 22.69
CA PRO C 16 20.19 -10.43 21.53
C PRO C 16 20.62 -11.48 20.48
N GLY C 17 20.38 -11.20 19.21
CA GLY C 17 20.64 -12.13 18.10
C GLY C 17 19.58 -13.22 17.86
N GLN C 18 18.56 -13.33 18.71
CA GLN C 18 17.45 -14.29 18.55
C GLN C 18 16.34 -13.80 17.60
N ARG C 19 15.34 -14.65 17.31
CA ARG C 19 14.05 -14.26 16.71
C ARG C 19 12.96 -14.13 17.78
N VAL C 20 12.11 -13.12 17.64
CA VAL C 20 10.87 -12.89 18.41
C VAL C 20 9.67 -12.77 17.46
N THR C 21 8.57 -13.48 17.77
CA THR C 21 7.34 -13.48 16.95
C THR C 21 6.15 -12.90 17.71
N ILE C 22 5.47 -11.92 17.11
CA ILE C 22 4.25 -11.27 17.62
C ILE C 22 3.08 -11.73 16.75
N SER C 23 1.95 -12.09 17.37
CA SER C 23 0.75 -12.58 16.67
C SER C 23 -0.44 -11.63 16.85
N CYS C 24 -1.31 -11.54 15.84
CA CYS C 24 -2.51 -10.71 15.84
C CYS C 24 -3.68 -11.47 15.20
N THR C 25 -4.86 -11.52 15.81
CA THR C 25 -5.98 -12.36 15.34
C THR C 25 -7.32 -11.63 15.30
N GLY C 26 -8.11 -11.91 14.26
CA GLY C 26 -9.34 -11.20 13.93
C GLY C 26 -10.60 -12.00 14.26
N SER C 27 -11.66 -11.78 13.47
CA SER C 27 -12.96 -12.45 13.60
C SER C 27 -13.47 -12.93 12.22
N SER C 28 -14.77 -13.21 12.07
CA SER C 28 -15.39 -13.47 10.76
C SER C 28 -15.47 -12.20 9.90
N SER C 29 -15.67 -11.04 10.53
CA SER C 29 -15.33 -9.73 9.98
C SER C 29 -13.82 -9.58 9.76
N ASN C 30 -13.36 -8.49 9.15
CA ASN C 30 -11.95 -8.12 9.05
C ASN C 30 -11.06 -9.22 8.45
N ILE C 31 -10.13 -9.82 9.20
CA ILE C 31 -9.16 -10.79 8.67
C ILE C 31 -9.87 -12.04 8.13
N GLY C 32 -10.96 -12.49 8.74
CA GLY C 32 -11.76 -13.62 8.24
C GLY C 32 -12.54 -13.32 6.95
N ALA C 33 -12.82 -12.04 6.67
CA ALA C 33 -13.45 -11.58 5.43
C ALA C 33 -12.47 -11.44 4.25
N GLY C 34 -11.19 -11.74 4.46
CA GLY C 34 -10.15 -11.72 3.43
C GLY C 34 -9.39 -10.40 3.27
N TYR C 35 -9.58 -9.43 4.16
CA TYR C 35 -8.83 -8.17 4.17
C TYR C 35 -7.39 -8.36 4.68
N ASP C 36 -6.47 -7.52 4.22
CA ASP C 36 -5.04 -7.56 4.59
C ASP C 36 -4.77 -7.00 5.99
N VAL C 37 -3.56 -7.27 6.50
CA VAL C 37 -3.06 -6.78 7.79
C VAL C 37 -1.72 -6.05 7.64
N HIS C 38 -1.58 -4.92 8.34
CA HIS C 38 -0.44 -3.99 8.28
C HIS C 38 0.12 -3.78 9.69
N TRP C 39 1.41 -3.47 9.83
CA TRP C 39 2.09 -3.41 11.12
C TRP C 39 2.84 -2.11 11.32
N TYR C 40 2.77 -1.54 12.52
CA TYR C 40 3.39 -0.28 12.93
C TYR C 40 4.27 -0.45 14.18
N GLN C 41 5.26 0.42 14.34
CA GLN C 41 6.16 0.52 15.49
C GLN C 41 6.05 1.91 16.15
N GLN C 42 6.01 2.01 17.48
CA GLN C 42 6.02 3.30 18.19
C GLN C 42 7.07 3.35 19.29
N LEU C 43 8.01 4.30 19.19
CA LEU C 43 8.94 4.66 20.26
C LEU C 43 8.28 5.67 21.22
N PRO C 44 8.72 5.79 22.48
CA PRO C 44 8.13 6.72 23.45
C PRO C 44 8.17 8.19 22.97
N GLY C 45 7.17 8.98 23.34
CA GLY C 45 7.06 10.40 22.98
C GLY C 45 7.00 10.70 21.47
N THR C 46 6.67 9.70 20.64
CA THR C 46 6.88 9.74 19.18
C THR C 46 5.70 9.12 18.43
N ALA C 47 5.39 9.62 17.23
CA ALA C 47 4.29 9.12 16.40
C ALA C 47 4.60 7.73 15.78
N PRO C 48 3.60 6.88 15.50
CA PRO C 48 3.82 5.55 14.92
C PRO C 48 4.53 5.55 13.55
N LYS C 49 5.14 4.43 13.18
CA LYS C 49 5.90 4.23 11.93
C LYS C 49 5.53 2.90 11.29
N LEU C 50 5.30 2.85 9.98
CA LEU C 50 4.90 1.64 9.25
C LEU C 50 6.10 0.69 9.05
N LEU C 51 5.91 -0.61 9.31
CA LEU C 51 6.88 -1.70 9.11
C LEU C 51 6.55 -2.64 7.96
N ILE C 52 5.27 -3.01 7.81
CA ILE C 52 4.77 -3.97 6.81
C ILE C 52 3.43 -3.47 6.29
N TYR C 53 3.19 -3.63 5.00
CA TYR C 53 1.88 -3.42 4.39
C TYR C 53 1.51 -4.60 3.50
N GLY C 54 0.24 -4.82 3.21
CA GLY C 54 -0.17 -5.89 2.30
C GLY C 54 0.26 -7.28 2.77
N ASN C 55 0.09 -7.60 4.05
CA ASN C 55 0.49 -8.83 4.74
C ASN C 55 1.99 -9.09 4.87
N SER C 56 2.80 -8.78 3.86
CA SER C 56 4.21 -9.17 3.79
C SER C 56 5.12 -8.19 3.07
N ASN C 57 4.60 -7.08 2.52
CA ASN C 57 5.44 -6.08 1.86
C ASN C 57 6.10 -5.22 2.81
N ARG C 58 7.39 -4.93 2.62
CA ARG C 58 8.16 -4.14 3.56
C ARG C 58 8.63 -2.91 2.88
N PRO C 59 8.44 -1.74 3.48
CA PRO C 59 8.79 -0.54 2.81
C PRO C 59 10.26 -0.50 2.41
N SER C 60 10.66 0.45 1.58
CA SER C 60 12.08 0.79 1.41
C SER C 60 12.59 1.61 2.60
N GLY C 61 13.69 1.16 3.20
CA GLY C 61 14.27 1.75 4.41
C GLY C 61 13.89 1.07 5.72
N VAL C 62 12.98 0.08 5.70
CA VAL C 62 12.82 -0.87 6.82
C VAL C 62 13.88 -1.97 6.68
N PRO C 63 14.65 -2.29 7.74
CA PRO C 63 15.67 -3.32 7.69
C PRO C 63 15.10 -4.73 7.47
N ASP C 64 15.96 -5.63 7.03
CA ASP C 64 15.53 -6.90 6.45
C ASP C 64 15.35 -8.01 7.43
N ARG C 65 15.09 -7.66 8.68
CA ARG C 65 14.90 -8.67 9.70
C ARG C 65 13.42 -8.83 9.90
N PHE C 66 12.64 -7.85 9.65
CA PHE C 66 11.24 -7.81 9.79
C PHE C 66 10.59 -8.57 8.65
N SER C 67 9.80 -9.58 8.99
CA SER C 67 8.99 -10.32 8.03
C SER C 67 7.59 -10.54 8.59
N GLY C 68 6.60 -10.74 7.75
CA GLY C 68 5.22 -10.90 8.20
C GLY C 68 4.38 -11.73 7.23
N SER C 69 3.25 -12.23 7.72
CA SER C 69 2.36 -13.09 6.94
C SER C 69 0.93 -13.10 7.51
N LYS C 70 -0.03 -13.60 6.71
CA LYS C 70 -1.44 -13.79 7.04
C LYS C 70 -1.86 -15.24 6.73
N SER C 71 -2.56 -15.88 7.65
CA SER C 71 -3.11 -17.23 7.47
C SER C 71 -4.31 -17.47 8.39
N GLY C 72 -5.30 -18.25 7.94
CA GLY C 72 -6.53 -18.51 8.70
C GLY C 72 -7.26 -17.21 9.07
N THR C 73 -7.53 -17.03 10.37
CA THR C 73 -8.08 -15.78 10.95
C THR C 73 -6.99 -15.03 11.74
N SER C 74 -5.77 -14.99 11.22
CA SER C 74 -4.60 -14.46 11.93
C SER C 74 -3.54 -13.85 11.00
N GLY C 75 -2.68 -13.00 11.56
CA GLY C 75 -1.42 -12.59 10.96
C GLY C 75 -0.31 -12.50 12.00
N SER C 76 0.93 -12.51 11.55
CA SER C 76 2.11 -12.58 12.42
C SER C 76 3.22 -11.66 11.93
N LEU C 77 3.98 -11.10 12.87
CA LEU C 77 5.20 -10.33 12.63
C LEU C 77 6.39 -11.06 13.26
N ALA C 78 7.47 -11.21 12.51
CA ALA C 78 8.72 -11.76 12.99
C ALA C 78 9.82 -10.70 13.02
N ILE C 79 10.42 -10.49 14.19
CA ILE C 79 11.62 -9.70 14.41
C ILE C 79 12.78 -10.69 14.53
N SER C 80 13.88 -10.47 13.83
CA SER C 80 15.00 -11.44 13.71
C SER C 80 16.36 -10.75 13.90
N GLY C 81 17.34 -11.49 14.41
CA GLY C 81 18.66 -10.95 14.76
C GLY C 81 18.56 -9.84 15.83
N LEU C 82 17.70 -10.03 16.83
CA LEU C 82 17.20 -9.00 17.75
C LEU C 82 18.29 -8.11 18.38
N GLN C 83 18.04 -6.80 18.49
CA GLN C 83 18.96 -5.82 19.07
C GLN C 83 18.24 -4.92 20.09
N PRO C 84 18.93 -4.25 21.04
CA PRO C 84 18.31 -3.32 21.97
C PRO C 84 17.56 -2.16 21.31
N GLU C 85 17.93 -1.78 20.08
CA GLU C 85 17.22 -0.79 19.26
C GLU C 85 15.77 -1.21 18.90
N ASP C 86 15.46 -2.50 18.93
CA ASP C 86 14.14 -3.06 18.59
C ASP C 86 13.11 -2.97 19.72
N GLU C 87 13.47 -2.50 20.92
CA GLU C 87 12.52 -2.22 21.99
C GLU C 87 11.57 -1.07 21.64
N ALA C 88 10.31 -1.39 21.40
CA ALA C 88 9.24 -0.49 21.00
C ALA C 88 7.89 -1.18 21.23
N ASP C 89 6.79 -0.44 21.06
CA ASP C 89 5.44 -0.99 21.09
C ASP C 89 4.93 -1.20 19.65
N TYR C 90 4.47 -2.40 19.32
CA TYR C 90 4.08 -2.81 17.97
C TYR C 90 2.56 -2.95 17.85
N TYR C 91 1.93 -2.39 16.81
CA TYR C 91 0.49 -2.49 16.56
C TYR C 91 0.19 -3.14 15.22
N CYS C 92 -0.84 -3.99 15.12
CA CYS C 92 -1.43 -4.43 13.87
C CYS C 92 -2.68 -3.60 13.49
N GLN C 93 -3.02 -3.55 12.21
CA GLN C 93 -4.23 -2.89 11.69
C GLN C 93 -4.87 -3.72 10.58
N SER C 94 -6.20 -3.73 10.49
CA SER C 94 -6.94 -4.28 9.35
C SER C 94 -8.24 -3.51 9.10
N TYR C 95 -8.81 -3.57 7.91
CA TYR C 95 -10.13 -2.99 7.63
C TYR C 95 -11.26 -3.84 8.18
N ASP C 96 -12.32 -3.25 8.72
CA ASP C 96 -13.51 -3.99 9.15
C ASP C 96 -14.80 -3.47 8.49
N SER C 97 -15.37 -4.29 7.62
CA SER C 97 -16.64 -4.05 6.90
C SER C 97 -17.87 -3.96 7.81
N SER C 98 -17.78 -4.42 9.06
CA SER C 98 -18.81 -4.28 10.10
C SER C 98 -18.60 -3.05 11.00
N LEU C 99 -17.46 -2.34 10.90
CA LEU C 99 -17.23 -1.02 11.51
C LEU C 99 -17.27 0.14 10.49
N SER C 100 -17.16 -0.18 9.19
CA SER C 100 -17.00 0.77 8.07
C SER C 100 -15.74 1.63 8.20
N GLY C 101 -14.62 1.02 8.61
CA GLY C 101 -13.35 1.70 8.77
C GLY C 101 -12.23 0.82 9.32
N SER C 102 -11.10 1.43 9.63
CA SER C 102 -9.93 0.75 10.20
C SER C 102 -10.15 0.30 11.64
N ILE C 103 -9.57 -0.83 12.02
CA ILE C 103 -9.40 -1.28 13.41
C ILE C 103 -7.93 -1.57 13.70
N PHE C 104 -7.50 -1.33 14.95
CA PHE C 104 -6.13 -1.49 15.43
C PHE C 104 -6.09 -2.49 16.58
N GLY C 105 -5.01 -3.25 16.72
CA GLY C 105 -4.78 -4.14 17.87
C GLY C 105 -4.36 -3.39 19.14
N GLY C 106 -4.43 -4.08 20.29
CA GLY C 106 -4.12 -3.51 21.61
C GLY C 106 -2.65 -3.18 21.90
N GLY C 107 -1.72 -3.54 21.01
CA GLY C 107 -0.28 -3.26 21.15
C GLY C 107 0.52 -4.35 21.86
N THR C 108 1.83 -4.39 21.62
CA THR C 108 2.78 -5.35 22.19
C THR C 108 4.11 -4.66 22.47
N LYS C 109 4.45 -4.43 23.74
CA LYS C 109 5.78 -3.95 24.13
C LYS C 109 6.82 -5.07 24.01
N LEU C 110 7.77 -4.96 23.08
CA LEU C 110 8.93 -5.87 23.04
C LEU C 110 9.96 -5.46 24.11
N THR C 111 10.69 -6.42 24.67
CA THR C 111 11.79 -6.17 25.62
C THR C 111 12.98 -7.09 25.35
N VAL C 112 14.21 -6.59 25.36
CA VAL C 112 15.40 -7.45 25.26
C VAL C 112 15.79 -8.01 26.64
N LEU C 113 16.13 -9.30 26.68
CA LEU C 113 16.36 -10.07 27.90
C LEU C 113 17.64 -9.65 28.66
N GLY C 114 18.65 -9.14 27.95
CA GLY C 114 19.92 -8.69 28.53
C GLY C 114 20.78 -9.81 29.13
#